data_7TZ1
#
_entry.id   7TZ1
#
_cell.length_a   131.267
_cell.length_b   44.170
_cell.length_c   89.448
_cell.angle_alpha   90.000
_cell.angle_beta   102.900
_cell.angle_gamma   90.000
#
_symmetry.space_group_name_H-M   'C 1 2 1'
#
loop_
_entity.id
_entity.type
_entity.pdbx_description
1 polymer 'Immunity repressor'
2 polymer "DNA (5'-D(P*TP*TP*TP*CP*GP*GP*TP*GP*GP*CP*TP*GP*TP*CP*AP*AP*GP*CP*GP*GP*G)-3')"
3 polymer "DNA (5'-D(P*CP*CP*CP*GP*CP*TP*TP*GP*AP*CP*AP*GP*CP*CP*AP*CP*CP*GP*AP*AP*A)-3')"
#
loop_
_entity_poly.entity_id
_entity_poly.type
_entity_poly.pdbx_seq_one_letter_code
_entity_poly.pdbx_strand_id
1 'polypeptide(L)'
;(MSE)GSSHHHHHHSSGLVPRGSH(MSE)SGKIQHKAVVPAPSRIPLTLSEIEDLRRKGFNQTEIAELYGVTRQAVSWHK
KTYGGRLTTRQIVQQNWPWDTRKPHDKSKAFQRLRDHGEY(MSE)RVGSFRT(MSE)SEDKKKRLLSWWK(MSE)LRDND
LVLEFDPSIEPYEG(MSE)AGGGFRYVPRDISDDDLLIRVNEHTQLTAEGELLWSWPDDIEELLSEP
;
A
2 'polydeoxyribonucleotide'
;(DT)(DT)(DT)(DC)(DG)(DG)(DT)(DG)(DG)(DC)(DT)(DG)(DT)(DC)(DA)(DA)(DG)(DC)(DG)(DG)
(DG)
;
B
3 'polydeoxyribonucleotide'
;(DC)(DC)(DC)(DG)(DC)(DT)(DT)(DG)(DA)(DC)(DA)(DG)(DC)(DC)(DA)(DC)(DC)(DG)(DA)(DA)
(DA)
;
C
#
# COMPACT_ATOMS: atom_id res chain seq x y z
N SER A 35 -17.31 34.11 8.40
CA SER A 35 -16.49 33.97 9.60
C SER A 35 -15.07 33.51 9.29
N ARG A 36 -14.91 32.94 8.10
CA ARG A 36 -13.58 32.71 7.57
C ARG A 36 -13.66 32.72 6.04
N ILE A 37 -12.68 32.11 5.41
CA ILE A 37 -12.59 32.09 3.95
C ILE A 37 -13.18 30.80 3.40
N PRO A 38 -13.69 30.83 2.17
CA PRO A 38 -14.23 29.61 1.55
C PRO A 38 -13.17 28.51 1.52
N LEU A 39 -13.58 27.31 1.88
CA LEU A 39 -12.70 26.15 1.76
C LEU A 39 -12.41 25.82 0.30
N THR A 40 -11.23 26.22 -0.17
CA THR A 40 -10.75 25.91 -1.50
C THR A 40 -9.74 24.77 -1.49
N LEU A 41 -9.61 24.12 -2.64
CA LEU A 41 -8.59 23.08 -2.81
C LEU A 41 -7.20 23.62 -2.50
N SER A 42 -6.90 24.85 -2.95
CA SER A 42 -5.59 25.46 -2.73
C SER A 42 -5.23 25.60 -1.25
N GLU A 43 -6.18 25.98 -0.42
CA GLU A 43 -5.87 26.08 1.01
C GLU A 43 -5.61 24.70 1.60
N ILE A 44 -6.41 23.72 1.19
CA ILE A 44 -6.22 22.35 1.65
C ILE A 44 -4.85 21.83 1.25
N GLU A 45 -4.44 22.09 0.01
CA GLU A 45 -3.14 21.60 -0.43
C GLU A 45 -2.03 22.30 0.35
N ASP A 46 -2.14 23.61 0.56
CA ASP A 46 -1.12 24.31 1.33
C ASP A 46 -0.98 23.75 2.74
N LEU A 47 -2.09 23.55 3.43
CA LEU A 47 -2.01 23.03 4.79
C LEU A 47 -1.51 21.58 4.81
N ARG A 48 -1.85 20.80 3.78
CA ARG A 48 -1.32 19.45 3.69
C ARG A 48 0.20 19.48 3.50
N ARG A 49 0.70 20.38 2.65
CA ARG A 49 2.15 20.48 2.48
C ARG A 49 2.82 20.84 3.80
N LYS A 50 2.11 21.53 4.67
CA LYS A 50 2.68 21.95 5.94
C LYS A 50 2.57 20.84 6.98
N GLY A 51 1.93 19.72 6.64
CA GLY A 51 1.93 18.52 7.45
C GLY A 51 0.64 18.27 8.19
N PHE A 52 -0.37 19.09 7.97
CA PHE A 52 -1.65 18.87 8.60
C PHE A 52 -2.42 17.83 7.78
N ASN A 53 -3.15 16.92 8.44
CA ASN A 53 -3.96 16.01 7.64
C ASN A 53 -5.39 16.55 7.44
N GLN A 54 -6.12 15.88 6.54
CA GLN A 54 -7.43 16.33 6.08
C GLN A 54 -8.44 16.43 7.22
N THR A 55 -8.37 15.54 8.21
CA THR A 55 -9.30 15.63 9.32
C THR A 55 -9.03 16.89 10.14
N GLU A 56 -7.75 17.20 10.36
CA GLU A 56 -7.39 18.40 11.10
C GLU A 56 -7.81 19.65 10.35
N ILE A 57 -7.66 19.63 9.01
CA ILE A 57 -8.08 20.78 8.20
C ILE A 57 -9.59 20.96 8.31
N ALA A 58 -10.33 19.86 8.30
CA ALA A 58 -11.78 19.89 8.47
C ALA A 58 -12.13 20.54 9.80
N GLU A 59 -11.39 20.16 10.83
CA GLU A 59 -11.65 20.73 12.15
C GLU A 59 -11.41 22.23 12.11
N LEU A 60 -10.39 22.65 11.34
CA LEU A 60 -10.06 24.06 11.28
C LEU A 60 -11.17 24.84 10.62
N TYR A 61 -11.89 24.20 9.72
CA TYR A 61 -12.86 24.90 8.88
C TYR A 61 -14.28 24.50 9.26
N GLY A 62 -14.42 23.72 10.33
CA GLY A 62 -15.73 23.37 10.82
C GLY A 62 -16.54 22.57 9.82
N VAL A 63 -15.88 21.76 9.02
CA VAL A 63 -16.54 20.85 8.07
C VAL A 63 -16.13 19.42 8.40
N THR A 64 -16.76 18.47 7.72
CA THR A 64 -16.46 17.05 7.86
C THR A 64 -15.27 16.69 6.98
N ARG A 65 -14.53 15.67 7.41
CA ARG A 65 -13.43 15.11 6.64
C ARG A 65 -13.85 14.84 5.20
N GLN A 66 -15.08 14.41 5.01
CA GLN A 66 -15.60 14.17 3.67
C GLN A 66 -15.59 15.42 2.81
N ALA A 67 -15.90 16.59 3.38
CA ALA A 67 -15.84 17.81 2.58
C ALA A 67 -14.43 18.13 2.08
N VAL A 68 -13.42 17.94 2.94
CA VAL A 68 -12.02 18.14 2.56
C VAL A 68 -11.59 17.15 1.50
N SER A 69 -11.96 15.90 1.72
CA SER A 69 -11.68 14.86 0.74
C SER A 69 -12.34 15.16 -0.59
N TRP A 70 -13.61 15.53 -0.56
CA TRP A 70 -14.31 15.87 -1.79
C TRP A 70 -13.59 16.95 -2.56
N HIS A 71 -13.16 18.00 -1.88
CA HIS A 71 -12.49 19.08 -2.59
C HIS A 71 -11.21 18.59 -3.25
N LYS A 72 -10.45 17.73 -2.52
CA LYS A 72 -9.24 17.11 -3.07
C LYS A 72 -9.51 16.12 -4.19
N LYS A 73 -10.51 15.27 -4.04
CA LYS A 73 -10.79 14.25 -5.05
C LYS A 73 -11.32 14.88 -6.32
N THR A 74 -12.16 15.89 -6.19
CA THR A 74 -12.82 16.47 -7.36
C THR A 74 -11.87 17.37 -8.12
N TYR A 75 -10.96 18.07 -7.43
CA TYR A 75 -10.17 19.08 -8.11
C TYR A 75 -8.68 18.71 -8.16
N GLY A 76 -8.36 17.42 -8.01
CA GLY A 76 -7.03 16.92 -8.35
C GLY A 76 -5.89 17.11 -7.36
N GLY A 77 -6.19 17.21 -6.07
CA GLY A 77 -5.18 17.20 -5.02
C GLY A 77 -4.11 16.12 -5.08
N ARG A 78 -2.85 16.49 -4.80
CA ARG A 78 -1.69 15.60 -4.77
C ARG A 78 -1.84 14.25 -4.06
N LEU A 79 -1.91 13.13 -4.77
CA LEU A 79 -1.87 11.81 -4.13
C LEU A 79 -0.59 11.54 -3.31
N THR A 80 -0.74 11.06 -2.06
CA THR A 80 0.42 10.58 -1.30
C THR A 80 1.01 9.31 -1.96
N THR A 81 2.28 9.00 -1.61
CA THR A 81 2.91 7.76 -2.10
C THR A 81 2.07 6.52 -1.84
N ARG A 82 1.52 6.39 -0.63
CA ARG A 82 0.69 5.22 -0.33
C ARG A 82 -0.49 5.14 -1.27
N GLN A 83 -1.10 6.29 -1.52
CA GLN A 83 -2.28 6.45 -2.37
C GLN A 83 -1.92 6.06 -3.81
N ILE A 84 -0.72 6.44 -4.24
CA ILE A 84 -0.22 6.10 -5.58
C ILE A 84 -0.13 4.58 -5.68
N VAL A 85 0.43 3.96 -4.64
CA VAL A 85 0.57 2.51 -4.55
C VAL A 85 -0.82 1.87 -4.62
N GLN A 86 -1.81 2.51 -4.00
CA GLN A 86 -3.18 1.99 -3.99
C GLN A 86 -3.69 1.97 -5.41
N GLN A 87 -3.38 2.99 -6.19
CA GLN A 87 -3.89 2.99 -7.56
C GLN A 87 -3.46 1.72 -8.29
N ASN A 88 -2.34 1.12 -7.90
CA ASN A 88 -1.81 -0.06 -8.59
C ASN A 88 -1.98 -1.32 -7.73
N TRP A 89 -2.79 -1.27 -6.68
CA TRP A 89 -3.10 -2.45 -5.87
C TRP A 89 -3.74 -3.55 -6.71
N PRO A 90 -3.26 -4.79 -6.58
CA PRO A 90 -3.57 -5.83 -7.56
C PRO A 90 -4.87 -6.56 -7.29
N TRP A 91 -5.57 -6.27 -6.20
CA TRP A 91 -6.74 -7.07 -5.87
C TRP A 91 -7.86 -6.18 -5.38
N ASP A 92 -9.09 -6.68 -5.51
CA ASP A 92 -10.26 -6.09 -4.87
C ASP A 92 -10.43 -6.60 -3.43
N THR A 93 -9.63 -6.07 -2.50
CA THR A 93 -9.82 -6.62 -1.17
C THR A 93 -10.84 -5.80 -0.38
N ARG A 94 -11.58 -6.45 0.52
CA ARG A 94 -12.50 -5.79 1.44
C ARG A 94 -12.14 -6.11 2.88
N LYS A 95 -12.92 -5.54 3.80
CA LYS A 95 -12.64 -5.66 5.21
C LYS A 95 -12.88 -7.14 5.55
N PRO A 96 -12.07 -7.76 6.40
CA PRO A 96 -10.93 -7.40 7.21
C PRO A 96 -9.63 -7.87 6.60
N HIS A 97 -9.41 -7.74 5.29
CA HIS A 97 -8.16 -8.25 4.74
C HIS A 97 -7.01 -7.43 5.26
N ASP A 98 -7.28 -6.18 5.62
CA ASP A 98 -6.26 -5.25 6.05
C ASP A 98 -5.69 -5.72 7.36
N LYS A 99 -6.33 -6.71 7.98
CA LYS A 99 -5.84 -7.17 9.27
C LYS A 99 -4.80 -8.27 9.05
N SER A 100 -4.70 -8.81 7.84
CA SER A 100 -3.69 -9.83 7.62
C SER A 100 -2.35 -9.11 7.48
N LYS A 101 -1.30 -9.69 8.07
CA LYS A 101 0.02 -9.11 7.94
C LYS A 101 0.51 -9.12 6.51
N ALA A 102 0.03 -10.04 5.70
CA ALA A 102 0.48 -10.08 4.32
C ALA A 102 0.03 -8.82 3.59
N PHE A 103 -1.20 -8.39 3.81
CA PHE A 103 -1.67 -7.16 3.20
C PHE A 103 -0.79 -5.99 3.62
N GLN A 104 -0.58 -5.84 4.92
CA GLN A 104 0.20 -4.72 5.41
C GLN A 104 1.63 -4.75 4.90
N ARG A 105 2.24 -5.94 4.89
CA ARG A 105 3.63 -6.04 4.48
C ARG A 105 3.79 -5.79 2.99
N LEU A 106 2.84 -6.27 2.19
CA LEU A 106 2.92 -6.03 0.77
C LEU A 106 2.73 -4.55 0.48
N ARG A 107 1.85 -3.89 1.25
CA ARG A 107 1.69 -2.46 1.11
C ARG A 107 3.00 -1.74 1.40
N ASP A 108 3.62 -2.10 2.50
CA ASP A 108 4.90 -1.50 2.84
C ASP A 108 5.90 -1.72 1.71
N HIS A 109 5.89 -2.91 1.13
CA HIS A 109 6.76 -3.18 -0.01
C HIS A 109 6.49 -2.25 -1.18
N GLY A 110 5.22 -2.08 -1.53
CA GLY A 110 4.87 -1.15 -2.61
C GLY A 110 5.36 0.25 -2.32
N GLU A 111 5.18 0.70 -1.07
CA GLU A 111 5.70 1.99 -0.68
C GLU A 111 7.21 2.06 -0.89
N TYR A 112 7.94 1.00 -0.51
CA TYR A 112 9.39 1.02 -0.68
C TYR A 112 9.76 1.14 -2.15
N ARG A 114 8.15 2.40 -4.37
CA ARG A 114 7.72 3.63 -4.97
C ARG A 114 8.72 4.73 -4.60
N VAL A 115 9.17 4.72 -3.34
CA VAL A 115 10.10 5.70 -2.76
C VAL A 115 11.51 5.36 -3.16
N GLY A 116 11.87 4.07 -3.08
CA GLY A 116 13.16 3.57 -3.48
C GLY A 116 14.20 3.47 -2.38
N SER A 117 13.85 3.78 -1.14
CA SER A 117 14.74 3.61 0.01
C SER A 117 13.86 3.52 1.25
N PHE A 118 14.46 3.35 2.41
CA PHE A 118 13.65 3.29 3.63
C PHE A 118 13.58 4.65 4.29
N ARG A 119 14.04 5.68 3.61
CA ARG A 119 14.24 6.97 4.27
C ARG A 119 12.94 7.58 4.76
N THR A 120 11.81 7.16 4.24
CA THR A 120 10.53 7.74 4.63
C THR A 120 9.75 6.86 5.56
N SER A 122 9.37 4.16 8.96
CA SER A 122 9.82 3.96 10.32
C SER A 122 10.76 2.77 10.41
N GLU A 123 11.47 2.71 11.54
CA GLU A 123 12.36 1.58 11.79
C GLU A 123 11.55 0.30 11.79
N ASP A 124 10.34 0.36 12.34
CA ASP A 124 9.46 -0.81 12.39
C ASP A 124 9.09 -1.26 10.98
N LYS A 125 8.64 -0.35 10.13
CA LYS A 125 8.30 -0.73 8.77
C LYS A 125 9.47 -1.40 8.07
N LYS A 126 10.66 -0.81 8.18
CA LYS A 126 11.89 -1.40 7.62
C LYS A 126 12.20 -2.81 8.16
N LYS A 127 12.24 -2.96 9.48
CA LYS A 127 12.52 -4.24 10.09
C LYS A 127 11.53 -5.32 9.65
N ARG A 128 10.24 -4.98 9.71
CA ARG A 128 9.19 -5.91 9.35
C ARG A 128 9.28 -6.29 7.89
N LEU A 129 9.50 -5.30 7.02
CA LEU A 129 9.62 -5.57 5.59
C LEU A 129 10.82 -6.46 5.27
N LEU A 130 11.98 -6.13 5.85
CA LEU A 130 13.16 -6.95 5.58
C LEU A 130 12.95 -8.39 6.06
N SER A 131 12.38 -8.56 7.24
CA SER A 131 12.07 -9.89 7.75
C SER A 131 11.12 -10.64 6.84
N TRP A 132 10.07 -9.95 6.38
CA TRP A 132 9.10 -10.56 5.47
C TRP A 132 9.78 -10.99 4.18
N TRP A 133 10.63 -10.12 3.60
CA TRP A 133 11.39 -10.49 2.42
C TRP A 133 12.20 -11.74 2.67
N LYS A 134 12.91 -11.79 3.80
CA LYS A 134 13.73 -12.95 4.13
C LYS A 134 12.89 -14.20 4.17
N LEU A 136 10.21 -14.78 2.64
CA LEU A 136 9.71 -15.19 1.33
C LEU A 136 10.81 -15.85 0.50
N ARG A 137 12.00 -15.26 0.47
CA ARG A 137 13.07 -15.82 -0.36
C ARG A 137 13.55 -17.15 0.22
N ASP A 138 13.88 -17.16 1.51
CA ASP A 138 14.51 -18.34 2.09
C ASP A 138 13.58 -19.54 2.02
N ASN A 139 12.29 -19.32 2.03
CA ASN A 139 11.34 -20.42 2.00
C ASN A 139 10.72 -20.51 0.61
N ASP A 140 11.23 -19.69 -0.32
CA ASP A 140 10.85 -19.60 -1.72
C ASP A 140 9.33 -19.52 -1.95
N LEU A 141 8.73 -18.49 -1.38
CA LEU A 141 7.27 -18.34 -1.42
C LEU A 141 6.88 -17.07 -2.18
N VAL A 142 5.65 -17.10 -2.71
CA VAL A 142 4.96 -15.92 -3.21
C VAL A 142 3.60 -15.86 -2.53
N LEU A 143 3.05 -14.65 -2.48
CA LEU A 143 1.74 -14.40 -1.89
C LEU A 143 0.62 -14.51 -2.91
N GLU A 144 -0.40 -15.31 -2.57
CA GLU A 144 -1.59 -15.53 -3.37
C GLU A 144 -2.77 -14.90 -2.64
N PHE A 145 -3.67 -14.33 -3.44
CA PHE A 145 -4.94 -13.78 -2.96
C PHE A 145 -6.12 -14.51 -3.59
N ASP A 146 -7.03 -14.94 -2.73
CA ASP A 146 -8.32 -15.53 -3.06
C ASP A 146 -9.34 -15.12 -2.02
N PRO A 147 -10.34 -14.33 -2.44
CA PRO A 147 -11.31 -13.76 -1.46
C PRO A 147 -12.04 -14.82 -0.67
N SER A 148 -11.97 -16.07 -1.08
CA SER A 148 -12.68 -17.12 -0.37
C SER A 148 -11.92 -17.63 0.85
N ILE A 149 -10.62 -17.31 1.00
CA ILE A 149 -9.95 -17.76 2.20
C ILE A 149 -10.54 -17.05 3.41
N GLU A 150 -10.99 -17.79 4.34
CA GLU A 150 -11.58 -17.39 5.60
C GLU A 150 -10.43 -17.15 6.58
N PRO A 151 -10.58 -16.27 7.56
CA PRO A 151 -9.48 -16.11 8.51
C PRO A 151 -9.04 -17.41 9.18
N TYR A 152 -7.73 -17.54 9.34
CA TYR A 152 -7.09 -18.64 10.05
C TYR A 152 -5.87 -18.17 10.84
N GLU A 153 -5.45 -19.01 11.79
CA GLU A 153 -4.32 -18.68 12.66
C GLU A 153 -3.14 -18.20 11.83
N GLY A 154 -2.73 -16.97 12.10
CA GLY A 154 -1.60 -16.40 11.40
C GLY A 154 -2.05 -15.58 10.22
N ALA A 156 -5.25 -13.21 10.69
CA ALA A 156 -6.45 -12.75 11.38
C ALA A 156 -7.46 -12.16 10.38
N GLY A 157 -6.97 -11.51 9.32
CA GLY A 157 -7.83 -11.10 8.23
C GLY A 157 -8.17 -12.07 7.11
N GLY A 158 -7.59 -13.27 6.99
CA GLY A 158 -7.99 -14.11 5.87
C GLY A 158 -7.77 -13.57 4.46
N GLY A 159 -7.92 -14.43 3.43
CA GLY A 159 -7.90 -14.00 2.03
C GLY A 159 -6.60 -14.24 1.28
N PHE A 160 -5.50 -14.34 2.01
CA PHE A 160 -4.14 -14.50 1.50
C PHE A 160 -3.58 -15.84 1.95
N ARG A 161 -2.63 -16.35 1.17
CA ARG A 161 -1.88 -17.53 1.58
C ARG A 161 -0.57 -17.49 0.84
N TYR A 162 0.47 -18.00 1.50
CA TYR A 162 1.78 -18.19 0.89
C TYR A 162 1.88 -19.53 0.17
N VAL A 163 2.37 -19.50 -1.06
CA VAL A 163 2.51 -20.66 -1.92
C VAL A 163 3.92 -20.72 -2.52
N PRO A 164 4.46 -21.89 -2.84
CA PRO A 164 5.78 -21.96 -3.48
C PRO A 164 5.89 -21.22 -4.82
N ARG A 165 7.04 -20.56 -4.99
CA ARG A 165 7.36 -19.82 -6.21
C ARG A 165 7.48 -20.73 -7.44
N ASP A 166 6.90 -20.29 -8.56
CA ASP A 166 7.11 -20.91 -9.87
C ASP A 166 7.96 -20.04 -10.79
N ILE A 167 8.58 -20.70 -11.79
CA ILE A 167 9.45 -19.98 -12.72
C ILE A 167 8.63 -18.90 -13.43
N SER A 168 7.34 -19.19 -13.63
CA SER A 168 6.39 -18.32 -14.31
C SER A 168 6.11 -17.05 -13.54
N ASP A 169 6.44 -17.02 -12.24
CA ASP A 169 6.22 -15.89 -11.34
C ASP A 169 7.24 -14.78 -11.55
N ASP A 170 8.37 -15.11 -12.18
CA ASP A 170 9.48 -14.20 -12.44
C ASP A 170 9.86 -13.42 -11.18
N ASP A 171 9.84 -12.10 -11.22
CA ASP A 171 10.31 -11.33 -10.09
C ASP A 171 9.20 -10.92 -9.13
N LEU A 172 7.97 -11.37 -9.38
CA LEU A 172 6.85 -10.97 -8.57
C LEU A 172 6.84 -11.67 -7.21
N LEU A 173 6.41 -10.95 -6.20
CA LEU A 173 6.22 -11.47 -4.85
C LEU A 173 4.85 -12.08 -4.66
N ILE A 174 4.00 -11.95 -5.67
CA ILE A 174 2.63 -12.43 -5.64
C ILE A 174 2.41 -13.44 -6.77
N ARG A 175 1.50 -14.37 -6.52
CA ARG A 175 1.01 -15.28 -7.54
C ARG A 175 -0.11 -14.58 -8.29
N VAL A 176 0.00 -14.50 -9.61
CA VAL A 176 -1.04 -13.92 -10.45
C VAL A 176 -2.06 -14.99 -10.76
N ASN A 177 -3.29 -14.81 -10.27
CA ASN A 177 -4.37 -15.75 -10.55
C ASN A 177 -5.60 -14.98 -11.02
N GLU A 178 -6.74 -15.68 -11.02
CA GLU A 178 -7.99 -15.15 -11.56
C GLU A 178 -8.49 -13.97 -10.78
N HIS A 179 -7.93 -13.70 -9.61
CA HIS A 179 -8.33 -12.60 -8.76
C HIS A 179 -7.33 -11.44 -8.80
N THR A 180 -6.34 -11.51 -9.67
CA THR A 180 -5.25 -10.53 -9.77
C THR A 180 -5.40 -9.58 -10.96
N GLN A 181 -5.36 -8.27 -10.68
CA GLN A 181 -5.21 -7.19 -11.68
C GLN A 181 -3.80 -6.58 -11.66
N LEU A 182 -2.95 -6.95 -12.62
CA LEU A 182 -1.53 -6.54 -12.59
C LEU A 182 -1.29 -5.49 -13.69
N THR A 183 -1.08 -4.24 -13.28
CA THR A 183 -0.72 -3.11 -14.14
C THR A 183 0.78 -3.08 -14.46
N ALA A 184 1.12 -2.30 -15.50
CA ALA A 184 2.52 -2.09 -15.86
C ALA A 184 3.33 -1.58 -14.67
N GLU A 185 2.83 -0.54 -13.98
CA GLU A 185 3.49 -0.05 -12.78
C GLU A 185 3.51 -1.13 -11.72
N GLY A 186 2.40 -1.87 -11.59
CA GLY A 186 2.35 -2.98 -10.66
C GLY A 186 3.45 -3.99 -10.88
N GLU A 187 3.86 -4.18 -12.14
CA GLU A 187 4.97 -5.10 -12.37
C GLU A 187 6.22 -4.64 -11.65
N LEU A 188 6.49 -3.33 -11.62
CA LEU A 188 7.63 -2.84 -10.85
C LEU A 188 7.35 -2.87 -9.36
N LEU A 189 6.11 -2.52 -8.98
CA LEU A 189 5.79 -2.41 -7.56
C LEU A 189 5.83 -3.78 -6.90
N TRP A 190 5.35 -4.80 -7.60
CA TRP A 190 5.20 -6.07 -6.92
C TRP A 190 6.33 -7.03 -7.30
N SER A 191 7.41 -6.50 -7.88
CA SER A 191 8.64 -7.24 -8.16
C SER A 191 9.69 -6.99 -7.07
N TRP A 192 10.67 -7.88 -7.01
CA TRP A 192 11.83 -7.72 -6.15
C TRP A 192 12.52 -6.39 -6.46
N PRO A 193 13.10 -5.71 -5.47
CA PRO A 193 14.05 -4.65 -5.81
C PRO A 193 15.26 -5.24 -6.53
N ASP A 194 15.86 -4.47 -7.44
CA ASP A 194 17.00 -5.00 -8.21
C ASP A 194 18.19 -5.29 -7.30
N ASP A 195 18.34 -4.57 -6.19
CA ASP A 195 19.50 -4.75 -5.33
C ASP A 195 19.14 -5.53 -4.06
N ILE A 196 18.17 -6.44 -4.20
CA ILE A 196 17.58 -7.18 -3.08
C ILE A 196 18.59 -8.02 -2.33
N GLU A 197 19.55 -8.58 -3.05
CA GLU A 197 20.50 -9.47 -2.41
C GLU A 197 21.35 -8.72 -1.40
N GLU A 198 21.78 -7.54 -1.77
CA GLU A 198 22.58 -6.68 -0.90
C GLU A 198 21.81 -6.13 0.31
N LEU A 199 20.52 -5.76 0.15
CA LEU A 199 19.84 -5.14 1.30
C LEU A 199 19.78 -6.06 2.51
N LEU A 200 19.62 -7.37 2.32
CA LEU A 200 19.58 -8.25 3.48
C LEU A 200 20.99 -8.78 3.65
N SER A 201 21.64 -8.41 4.74
CA SER A 201 23.02 -8.86 4.97
C SER A 201 23.43 -8.82 6.43
#